data_7DCS
#
_entry.id   7DCS
#
_cell.length_a   86.720
_cell.length_b   93.720
_cell.length_c   142.370
_cell.angle_alpha   90.000
_cell.angle_beta   90.000
_cell.angle_gamma   90.000
#
_symmetry.space_group_name_H-M   'P 21 21 21'
#
loop_
_entity.id
_entity.type
_entity.pdbx_description
1 polymer 'Heat shock factor protein 1'
2 polymer "DNA (5'-D(*TP*GP*GP*CP*GP*TP*TP*CP*TP*AP*GP*AP*AP*TP*AP*TP*TP*CP*GP*CP*GP*GP*A)-3')"
3 polymer "DNA (5'-D(*AP*TP*CP*CP*GP*CP*GP*AP*AP*TP*AP*TP*TP*CP*TP*AP*GP*AP*AP*CP*GP*CP*C)-3')"
4 non-polymer 'SODIUM ION'
5 water water
#
loop_
_entity_poly.entity_id
_entity_poly.type
_entity_poly.pdbx_seq_one_letter_code
_entity_poly.pdbx_strand_id
1 'polypeptide(L)'
;GHHHHHHVPAFLTKLWTLVSDPDTDALICWSPSGNSFHVFDQGQFAKEVLPKYFKHNNMASFVRQLNMYGFRKVVHIEQG
GLVKPERDDTEFQHPCFLRGQEQLLENIKRKVT
;
A,B,C,D,E,F
2 'polydeoxyribonucleotide'
;(DT)(DG)(DG)(DC)(DG)(DT)(DT)(DC)(DT)(DA)(DG)(DA)(DA)(DT)(DA)(DT)(DT)(DC)(DG)(DC)
(DG)(DG)(DA)
;
G,I
3 'polydeoxyribonucleotide'
;(DA)(DT)(DC)(DC)(DG)(DC)(DG)(DA)(DA)(DT)(DA)(DT)(DT)(DC)(DT)(DA)(DG)(DA)(DA)(DC)
(DG)(DC)(DC)
;
H,J
#
loop_
_chem_comp.id
_chem_comp.type
_chem_comp.name
_chem_comp.formula
DA DNA linking 2'-DEOXYADENOSINE-5'-MONOPHOSPHATE 'C10 H14 N5 O6 P'
DC DNA linking 2'-DEOXYCYTIDINE-5'-MONOPHOSPHATE 'C9 H14 N3 O7 P'
DG DNA linking 2'-DEOXYGUANOSINE-5'-MONOPHOSPHATE 'C10 H14 N5 O7 P'
DT DNA linking THYMIDINE-5'-MONOPHOSPHATE 'C10 H15 N2 O8 P'
NA non-polymer 'SODIUM ION' 'Na 1'
#
# COMPACT_ATOMS: atom_id res chain seq x y z
N HIS A 7 -28.04 -19.91 -4.53
CA HIS A 7 -27.46 -19.71 -5.86
C HIS A 7 -27.45 -21.01 -6.65
N VAL A 8 -27.95 -20.97 -7.88
CA VAL A 8 -28.03 -22.16 -8.72
C VAL A 8 -26.71 -22.29 -9.49
N PRO A 9 -26.06 -23.46 -9.46
CA PRO A 9 -24.75 -23.57 -10.13
C PRO A 9 -24.83 -23.27 -11.62
N ALA A 10 -23.72 -22.76 -12.15
CA ALA A 10 -23.65 -22.33 -13.55
C ALA A 10 -24.07 -23.44 -14.50
N PHE A 11 -23.70 -24.69 -14.19
CA PHE A 11 -24.03 -25.78 -15.11
C PHE A 11 -25.53 -25.87 -15.35
N LEU A 12 -26.33 -25.76 -14.29
CA LEU A 12 -27.77 -25.91 -14.44
C LEU A 12 -28.38 -24.76 -15.23
N THR A 13 -27.99 -23.50 -14.92
CA THR A 13 -28.54 -22.38 -15.69
C THR A 13 -28.09 -22.43 -17.14
N LYS A 14 -26.82 -22.79 -17.38
CA LYS A 14 -26.37 -22.92 -18.76
C LYS A 14 -27.10 -24.05 -19.46
N LEU A 15 -27.28 -25.19 -18.77
CA LEU A 15 -27.95 -26.32 -19.38
C LEU A 15 -29.39 -25.96 -19.74
N TRP A 16 -30.09 -25.28 -18.84
CA TRP A 16 -31.45 -24.85 -19.15
C TRP A 16 -31.46 -23.90 -20.35
N THR A 17 -30.53 -22.94 -20.36
CA THR A 17 -30.47 -21.97 -21.46
C THR A 17 -30.21 -22.63 -22.80
N LEU A 18 -29.19 -23.49 -22.89
CA LEU A 18 -28.84 -24.06 -24.20
C LEU A 18 -29.90 -25.04 -24.69
N VAL A 19 -30.55 -25.78 -23.78
CA VAL A 19 -31.63 -26.66 -24.20
C VAL A 19 -32.81 -25.85 -24.71
N SER A 20 -33.16 -24.76 -24.03
CA SER A 20 -34.31 -23.94 -24.40
C SER A 20 -34.03 -23.08 -25.63
N ASP A 21 -32.77 -22.85 -25.97
CA ASP A 21 -32.43 -22.00 -27.10
C ASP A 21 -33.01 -22.58 -28.38
N PRO A 22 -33.93 -21.88 -29.06
CA PRO A 22 -34.49 -22.41 -30.31
C PRO A 22 -33.48 -22.50 -31.44
N ASP A 23 -32.37 -21.77 -31.38
CA ASP A 23 -31.38 -21.84 -32.45
C ASP A 23 -30.67 -23.19 -32.47
N THR A 24 -30.54 -23.83 -31.30
CA THR A 24 -29.85 -25.11 -31.18
C THR A 24 -30.77 -26.32 -31.22
N ASP A 25 -32.07 -26.12 -31.42
CA ASP A 25 -33.04 -27.21 -31.37
C ASP A 25 -32.70 -28.36 -32.32
N ALA A 26 -31.96 -28.09 -33.38
CA ALA A 26 -31.55 -29.16 -34.28
C ALA A 26 -30.55 -30.11 -33.64
N LEU A 27 -29.82 -29.65 -32.63
CA LEU A 27 -28.82 -30.46 -31.93
C LEU A 27 -29.25 -30.87 -30.54
N ILE A 28 -29.93 -29.99 -29.80
CA ILE A 28 -30.39 -30.27 -28.45
C ILE A 28 -31.69 -29.51 -28.22
N CYS A 29 -32.71 -30.20 -27.73
CA CYS A 29 -34.01 -29.55 -27.54
C CYS A 29 -34.81 -30.34 -26.51
N TRP A 30 -35.88 -29.71 -26.04
CA TRP A 30 -36.80 -30.35 -25.12
C TRP A 30 -37.59 -31.44 -25.83
N SER A 31 -38.04 -32.43 -25.06
CA SER A 31 -39.00 -33.38 -25.58
C SER A 31 -40.34 -32.68 -25.76
N PRO A 32 -41.26 -33.24 -26.56
CA PRO A 32 -42.56 -32.58 -26.75
C PRO A 32 -43.26 -32.21 -25.47
N SER A 33 -43.31 -33.13 -24.49
CA SER A 33 -43.87 -32.80 -23.19
C SER A 33 -42.96 -31.93 -22.36
N GLY A 34 -41.65 -31.94 -22.63
CA GLY A 34 -40.73 -31.16 -21.83
C GLY A 34 -40.31 -31.74 -20.50
N ASN A 35 -40.28 -33.08 -20.36
CA ASN A 35 -39.82 -33.76 -19.16
C ASN A 35 -38.33 -33.87 -19.21
N SER A 36 -37.78 -33.75 -20.41
CA SER A 36 -36.48 -34.31 -20.70
C SER A 36 -35.97 -33.58 -21.92
N PHE A 37 -34.73 -33.88 -22.26
CA PHE A 37 -34.14 -33.25 -23.42
C PHE A 37 -33.38 -34.29 -24.22
N HIS A 38 -33.29 -34.04 -25.53
CA HIS A 38 -32.61 -34.90 -26.46
C HIS A 38 -31.37 -34.20 -26.99
N VAL A 39 -30.35 -34.98 -27.30
CA VAL A 39 -29.17 -34.50 -27.98
C VAL A 39 -29.06 -35.32 -29.26
N PHE A 40 -29.10 -34.65 -30.41
CA PHE A 40 -28.97 -35.29 -31.71
C PHE A 40 -27.59 -34.99 -32.27
N ASP A 41 -26.92 -36.03 -32.77
CA ASP A 41 -25.57 -35.89 -33.30
C ASP A 41 -24.63 -35.39 -32.21
N GLN A 42 -24.18 -36.29 -31.33
CA GLN A 42 -23.30 -35.90 -30.23
C GLN A 42 -22.05 -35.20 -30.73
N GLY A 43 -21.51 -35.65 -31.87
CA GLY A 43 -20.27 -35.08 -32.36
C GLY A 43 -20.40 -33.61 -32.71
N GLN A 44 -21.44 -33.25 -33.47
CA GLN A 44 -21.59 -31.86 -33.85
C GLN A 44 -21.97 -31.01 -32.65
N PHE A 45 -22.87 -31.52 -31.79
CA PHE A 45 -23.23 -30.82 -30.57
C PHE A 45 -22.02 -30.56 -29.68
N ALA A 46 -21.19 -31.58 -29.45
CA ALA A 46 -20.06 -31.42 -28.55
C ALA A 46 -19.07 -30.40 -29.08
N LYS A 47 -18.89 -30.36 -30.40
CA LYS A 47 -17.84 -29.51 -30.95
C LYS A 47 -18.33 -28.12 -31.26
N GLU A 48 -19.64 -27.93 -31.41
CA GLU A 48 -20.20 -26.65 -31.81
C GLU A 48 -20.98 -25.94 -30.71
N VAL A 49 -21.67 -26.65 -29.84
CA VAL A 49 -22.49 -26.03 -28.80
C VAL A 49 -21.76 -25.96 -27.46
N LEU A 50 -21.16 -27.07 -27.03
CA LEU A 50 -20.52 -27.14 -25.72
C LEU A 50 -19.48 -26.06 -25.45
N PRO A 51 -18.51 -25.78 -26.33
CA PRO A 51 -17.49 -24.77 -25.99
C PRO A 51 -18.02 -23.36 -25.91
N LYS A 52 -19.26 -23.10 -26.36
CA LYS A 52 -19.85 -21.79 -26.21
C LYS A 52 -20.45 -21.56 -24.84
N TYR A 53 -20.59 -22.61 -24.04
CA TYR A 53 -21.09 -22.51 -22.68
C TYR A 53 -20.10 -23.01 -21.64
N PHE A 54 -19.22 -23.95 -22.00
CA PHE A 54 -18.33 -24.57 -21.05
C PHE A 54 -16.89 -24.47 -21.53
N LYS A 55 -15.96 -24.80 -20.64
CA LYS A 55 -14.53 -24.76 -20.95
C LYS A 55 -14.07 -26.08 -21.55
N HIS A 56 -14.87 -26.65 -22.44
CA HIS A 56 -14.53 -27.91 -23.09
C HIS A 56 -15.47 -28.09 -24.27
N ASN A 57 -15.11 -29.04 -25.14
CA ASN A 57 -15.94 -29.41 -26.28
C ASN A 57 -16.17 -30.92 -26.30
N ASN A 58 -16.25 -31.52 -25.12
CA ASN A 58 -16.23 -32.97 -24.99
C ASN A 58 -17.54 -33.46 -24.39
N MET A 59 -18.20 -34.39 -25.10
CA MET A 59 -19.49 -34.93 -24.67
C MET A 59 -19.39 -35.68 -23.34
N ALA A 60 -18.26 -36.36 -23.12
CA ALA A 60 -18.06 -37.13 -21.89
C ALA A 60 -18.07 -36.27 -20.64
N SER A 61 -17.56 -35.04 -20.73
CA SER A 61 -17.57 -34.14 -19.57
C SER A 61 -18.95 -33.55 -19.35
N PHE A 62 -19.72 -33.39 -20.43
CA PHE A 62 -21.11 -32.98 -20.30
C PHE A 62 -21.93 -34.08 -19.65
N VAL A 63 -21.73 -35.33 -20.07
CA VAL A 63 -22.46 -36.45 -19.50
C VAL A 63 -22.07 -36.64 -18.04
N ARG A 64 -20.78 -36.51 -17.73
CA ARG A 64 -20.34 -36.62 -16.33
C ARG A 64 -21.05 -35.60 -15.44
N GLN A 65 -21.18 -34.37 -15.93
CA GLN A 65 -21.88 -33.35 -15.17
C GLN A 65 -23.36 -33.68 -15.02
N LEU A 66 -23.99 -34.21 -16.07
CA LEU A 66 -25.40 -34.58 -15.96
C LEU A 66 -25.61 -35.60 -14.86
N ASN A 67 -24.78 -36.65 -14.82
CA ASN A 67 -24.89 -37.63 -13.74
C ASN A 67 -24.54 -37.02 -12.39
N MET A 68 -23.63 -36.05 -12.38
CA MET A 68 -23.27 -35.32 -11.16
C MET A 68 -24.47 -34.60 -10.56
N TYR A 69 -25.41 -34.17 -11.39
CA TYR A 69 -26.59 -33.46 -10.91
C TYR A 69 -27.82 -34.35 -10.90
N GLY A 70 -27.65 -35.67 -10.93
CA GLY A 70 -28.76 -36.59 -10.80
C GLY A 70 -29.60 -36.82 -12.03
N PHE A 71 -29.20 -36.32 -13.19
CA PHE A 71 -29.93 -36.62 -14.42
C PHE A 71 -29.71 -38.08 -14.78
N ARG A 72 -30.73 -38.72 -15.36
CA ARG A 72 -30.48 -40.08 -15.80
C ARG A 72 -30.87 -40.22 -17.26
N LYS A 73 -30.14 -41.10 -17.93
CA LYS A 73 -30.40 -41.40 -19.31
C LYS A 73 -31.64 -42.29 -19.41
N VAL A 74 -32.58 -41.89 -20.28
CA VAL A 74 -33.76 -42.68 -20.56
C VAL A 74 -33.42 -43.63 -21.71
N VAL A 75 -33.65 -44.92 -21.50
CA VAL A 75 -33.24 -45.92 -22.48
C VAL A 75 -34.32 -46.05 -23.55
N HIS A 76 -33.91 -46.08 -24.81
CA HIS A 76 -34.84 -46.23 -25.94
C HIS A 76 -34.90 -47.68 -26.40
N ASP A 88 -28.72 -41.06 -34.12
CA ASP A 88 -28.05 -40.47 -32.96
C ASP A 88 -29.06 -39.68 -32.12
N ASP A 89 -29.65 -40.35 -31.13
CA ASP A 89 -30.63 -39.75 -30.23
C ASP A 89 -30.30 -40.16 -28.80
N THR A 90 -29.82 -39.21 -28.01
CA THR A 90 -29.52 -39.43 -26.60
C THR A 90 -30.41 -38.54 -25.75
N GLU A 91 -31.15 -39.15 -24.82
CA GLU A 91 -32.13 -38.43 -24.02
C GLU A 91 -31.78 -38.55 -22.53
N PHE A 92 -31.91 -37.43 -21.83
CA PHE A 92 -31.66 -37.36 -20.40
C PHE A 92 -32.82 -36.65 -19.72
N GLN A 93 -33.06 -36.99 -18.46
CA GLN A 93 -34.17 -36.38 -17.73
C GLN A 93 -33.77 -36.17 -16.28
N HIS A 94 -34.40 -35.17 -15.66
CA HIS A 94 -34.34 -34.95 -14.23
C HIS A 94 -35.70 -34.38 -13.88
N PRO A 95 -36.34 -34.88 -12.82
CA PRO A 95 -37.70 -34.43 -12.50
C PRO A 95 -37.83 -32.94 -12.28
N CYS A 96 -36.74 -32.24 -11.96
CA CYS A 96 -36.79 -30.81 -11.72
C CYS A 96 -36.18 -30.01 -12.87
N PHE A 97 -35.95 -30.63 -14.02
CA PHE A 97 -35.46 -29.97 -15.22
C PHE A 97 -36.60 -29.97 -16.24
N LEU A 98 -37.44 -28.93 -16.17
CA LEU A 98 -38.69 -28.87 -16.93
C LEU A 98 -38.71 -27.59 -17.78
N ARG A 99 -39.23 -27.71 -18.99
CA ARG A 99 -39.33 -26.54 -19.86
C ARG A 99 -40.28 -25.52 -19.25
N GLY A 100 -39.88 -24.24 -19.28
CA GLY A 100 -40.67 -23.16 -18.72
C GLY A 100 -40.69 -23.08 -17.21
N GLN A 101 -39.80 -23.81 -16.52
CA GLN A 101 -39.76 -23.84 -15.06
C GLN A 101 -38.32 -23.68 -14.58
N GLU A 102 -37.70 -22.55 -14.94
CA GLU A 102 -36.31 -22.32 -14.56
C GLU A 102 -36.13 -22.29 -13.05
N GLN A 103 -37.13 -21.80 -12.33
CA GLN A 103 -37.05 -21.76 -10.87
C GLN A 103 -36.83 -23.14 -10.26
N LEU A 104 -37.29 -24.20 -10.92
CA LEU A 104 -37.19 -25.54 -10.37
C LEU A 104 -35.75 -26.03 -10.26
N LEU A 105 -34.80 -25.39 -10.94
CA LEU A 105 -33.40 -25.81 -10.86
C LEU A 105 -32.84 -25.68 -9.45
N GLU A 106 -33.47 -24.88 -8.60
CA GLU A 106 -33.02 -24.74 -7.22
C GLU A 106 -33.05 -26.05 -6.46
N ASN A 107 -33.89 -27.00 -6.89
CA ASN A 107 -34.08 -28.26 -6.20
C ASN A 107 -33.16 -29.37 -6.69
N ILE A 108 -32.38 -29.13 -7.74
CA ILE A 108 -31.44 -30.13 -8.25
C ILE A 108 -30.18 -30.12 -7.40
N LYS A 109 -29.83 -31.28 -6.84
CA LYS A 109 -28.72 -31.41 -5.90
C LYS A 109 -27.49 -31.97 -6.60
N ARG A 110 -26.36 -31.30 -6.43
CA ARG A 110 -25.11 -31.83 -6.96
C ARG A 110 -24.59 -32.86 -5.98
N LYS A 111 -24.19 -34.03 -6.49
CA LYS A 111 -23.68 -35.07 -5.62
C LYS A 111 -22.32 -34.63 -5.09
N VAL A 112 -21.99 -34.98 -3.86
CA VAL A 112 -20.73 -34.54 -3.30
C VAL A 112 -19.70 -35.67 -3.32
N HIS B 7 -6.27 -68.27 -24.69
CA HIS B 7 -6.88 -67.60 -25.84
C HIS B 7 -6.98 -66.10 -25.60
N VAL B 8 -6.45 -65.31 -26.53
CA VAL B 8 -6.45 -63.85 -26.40
C VAL B 8 -7.87 -63.35 -26.62
N PRO B 9 -8.41 -62.51 -25.71
CA PRO B 9 -9.79 -62.03 -25.87
C PRO B 9 -9.98 -61.26 -27.18
N ALA B 10 -11.21 -61.31 -27.69
CA ALA B 10 -11.54 -60.69 -28.97
C ALA B 10 -11.16 -59.21 -29.02
N PHE B 11 -11.34 -58.49 -27.90
CA PHE B 11 -11.06 -57.05 -27.90
C PHE B 11 -9.62 -56.75 -28.30
N LEU B 12 -8.66 -57.49 -27.74
CA LEU B 12 -7.26 -57.21 -28.03
C LEU B 12 -6.93 -57.53 -29.48
N THR B 13 -7.40 -58.69 -29.98
CA THR B 13 -7.14 -59.05 -31.37
C THR B 13 -7.81 -58.06 -32.33
N LYS B 14 -9.04 -57.63 -31.99
CA LYS B 14 -9.71 -56.64 -32.82
C LYS B 14 -9.00 -55.30 -32.77
N LEU B 15 -8.59 -54.87 -31.57
CA LEU B 15 -7.89 -53.60 -31.45
C LEU B 15 -6.57 -53.64 -32.20
N TRP B 16 -5.83 -54.74 -32.09
CA TRP B 16 -4.61 -54.91 -32.86
C TRP B 16 -4.87 -54.76 -34.36
N THR B 17 -5.87 -55.49 -34.87
CA THR B 17 -6.16 -55.45 -36.29
C THR B 17 -6.56 -54.06 -36.76
N LEU B 18 -7.48 -53.41 -36.06
CA LEU B 18 -7.97 -52.12 -36.56
C LEU B 18 -6.90 -51.04 -36.45
N VAL B 19 -6.06 -51.08 -35.41
CA VAL B 19 -4.96 -50.12 -35.33
C VAL B 19 -3.95 -50.37 -36.44
N SER B 20 -3.60 -51.64 -36.69
CA SER B 20 -2.59 -51.96 -37.69
C SER B 20 -3.12 -51.86 -39.12
N ASP B 21 -4.42 -51.88 -39.31
CA ASP B 21 -5.01 -51.83 -40.65
C ASP B 21 -4.64 -50.50 -41.31
N PRO B 22 -3.89 -50.53 -42.41
CA PRO B 22 -3.52 -49.25 -43.07
C PRO B 22 -4.70 -48.53 -43.68
N ASP B 23 -5.81 -49.21 -43.94
CA ASP B 23 -6.97 -48.56 -44.52
C ASP B 23 -7.63 -47.59 -43.53
N THR B 24 -7.51 -47.87 -42.23
CA THR B 24 -8.09 -47.02 -41.20
C THR B 24 -7.12 -45.99 -40.63
N ASP B 25 -5.89 -45.96 -41.14
CA ASP B 25 -4.85 -45.08 -40.59
C ASP B 25 -5.26 -43.62 -40.51
N ALA B 26 -6.20 -43.18 -41.35
CA ALA B 26 -6.65 -41.79 -41.26
C ALA B 26 -7.42 -41.53 -39.97
N LEU B 27 -7.99 -42.56 -39.36
CA LEU B 27 -8.78 -42.44 -38.15
C LEU B 27 -8.11 -43.02 -36.92
N ILE B 28 -7.42 -44.15 -37.06
CA ILE B 28 -6.72 -44.80 -35.94
C ILE B 28 -5.48 -45.47 -36.49
N CYS B 29 -4.34 -45.22 -35.85
CA CYS B 29 -3.08 -45.75 -36.36
C CYS B 29 -2.05 -45.79 -35.24
N TRP B 30 -0.97 -46.52 -35.50
CA TRP B 30 0.15 -46.55 -34.57
C TRP B 30 0.84 -45.21 -34.51
N SER B 31 1.46 -44.93 -33.37
CA SER B 31 2.38 -43.82 -33.28
C SER B 31 3.67 -44.17 -34.03
N PRO B 32 4.48 -43.17 -34.38
CA PRO B 32 5.77 -43.49 -35.03
C PRO B 32 6.59 -44.52 -34.28
N SER B 33 6.63 -44.47 -32.95
CA SER B 33 7.37 -45.48 -32.19
C SER B 33 6.71 -46.85 -32.23
N GLY B 34 5.41 -46.90 -32.51
CA GLY B 34 4.72 -48.17 -32.44
C GLY B 34 4.52 -48.65 -31.03
N ASN B 35 4.55 -47.73 -30.05
CA ASN B 35 4.33 -48.06 -28.65
C ASN B 35 3.02 -47.49 -28.12
N SER B 36 2.26 -46.81 -28.97
CA SER B 36 0.95 -46.26 -28.63
C SER B 36 0.18 -46.12 -29.93
N PHE B 37 -1.11 -45.79 -29.81
CA PHE B 37 -1.94 -45.57 -30.98
C PHE B 37 -2.76 -44.31 -30.78
N HIS B 38 -3.09 -43.66 -31.90
CA HIS B 38 -3.84 -42.42 -31.91
C HIS B 38 -5.21 -42.65 -32.53
N VAL B 39 -6.18 -41.88 -32.06
CA VAL B 39 -7.51 -41.85 -32.67
C VAL B 39 -7.76 -40.41 -33.08
N PHE B 40 -7.97 -40.20 -34.38
CA PHE B 40 -8.24 -38.88 -34.92
C PHE B 40 -9.72 -38.77 -35.28
N ASP B 41 -10.36 -37.68 -34.86
CA ASP B 41 -11.78 -37.47 -35.10
C ASP B 41 -12.58 -38.61 -34.48
N GLN B 42 -12.81 -38.52 -33.16
CA GLN B 42 -13.54 -39.56 -32.45
C GLN B 42 -14.89 -39.82 -33.08
N GLY B 43 -15.55 -38.77 -33.60
CA GLY B 43 -16.87 -38.93 -34.17
C GLY B 43 -16.86 -39.84 -35.39
N GLN B 44 -15.95 -39.59 -36.33
CA GLN B 44 -15.89 -40.44 -37.51
C GLN B 44 -15.43 -41.85 -37.18
N PHE B 45 -14.44 -41.96 -36.29
CA PHE B 45 -13.95 -43.29 -35.88
C PHE B 45 -15.08 -44.11 -35.27
N ALA B 46 -15.85 -43.51 -34.36
CA ALA B 46 -16.90 -44.24 -33.66
C ALA B 46 -17.98 -44.72 -34.61
N LYS B 47 -18.29 -43.92 -35.63
CA LYS B 47 -19.43 -44.24 -36.47
C LYS B 47 -19.06 -45.15 -37.65
N GLU B 48 -17.80 -45.17 -38.08
CA GLU B 48 -17.40 -45.99 -39.23
C GLU B 48 -16.56 -47.20 -38.87
N VAL B 49 -15.72 -47.12 -37.86
CA VAL B 49 -14.77 -48.18 -37.56
C VAL B 49 -15.28 -49.11 -36.47
N LEU B 50 -15.73 -48.54 -35.36
CA LEU B 50 -16.18 -49.35 -34.22
C LEU B 50 -17.24 -50.37 -34.60
N PRO B 51 -18.31 -50.05 -35.33
CA PRO B 51 -19.33 -51.08 -35.62
C PRO B 51 -18.85 -52.16 -36.57
N LYS B 52 -17.70 -51.98 -37.22
CA LYS B 52 -17.18 -53.03 -38.07
C LYS B 52 -16.42 -54.09 -37.30
N TYR B 53 -16.11 -53.83 -36.03
CA TYR B 53 -15.44 -54.79 -35.17
C TYR B 53 -16.22 -55.16 -33.91
N PHE B 54 -17.08 -54.26 -33.43
CA PHE B 54 -17.82 -54.45 -32.19
C PHE B 54 -19.30 -54.22 -32.44
N LYS B 55 -20.12 -54.63 -31.47
CA LYS B 55 -21.56 -54.45 -31.57
C LYS B 55 -22.03 -53.13 -30.98
N HIS B 56 -21.34 -52.04 -31.32
CA HIS B 56 -21.69 -50.70 -30.88
C HIS B 56 -20.94 -49.71 -31.74
N ASN B 57 -21.34 -48.45 -31.66
CA ASN B 57 -20.63 -47.35 -32.32
C ASN B 57 -20.32 -46.25 -31.32
N ASN B 58 -19.96 -46.62 -30.09
CA ASN B 58 -19.83 -45.68 -28.99
C ASN B 58 -18.38 -45.59 -28.55
N MET B 59 -17.82 -44.38 -28.61
CA MET B 59 -16.46 -44.16 -28.17
C MET B 59 -16.32 -44.46 -26.68
N ALA B 60 -17.34 -44.12 -25.88
CA ALA B 60 -17.26 -44.36 -24.44
C ALA B 60 -17.14 -45.84 -24.13
N SER B 61 -17.79 -46.70 -24.91
CA SER B 61 -17.68 -48.14 -24.69
C SER B 61 -16.35 -48.68 -25.17
N PHE B 62 -15.76 -48.05 -26.18
CA PHE B 62 -14.40 -48.37 -26.59
C PHE B 62 -13.40 -47.91 -25.52
N VAL B 63 -13.58 -46.70 -24.99
CA VAL B 63 -12.67 -46.19 -23.97
C VAL B 63 -12.78 -47.02 -22.70
N ARG B 64 -14.00 -47.40 -22.31
CA ARG B 64 -14.17 -48.25 -21.13
C ARG B 64 -13.38 -49.55 -21.28
N GLN B 65 -13.43 -50.15 -22.48
CA GLN B 65 -12.70 -51.38 -22.73
C GLN B 65 -11.19 -51.17 -22.66
N LEU B 66 -10.71 -50.05 -23.20
CA LEU B 66 -9.28 -49.77 -23.13
C LEU B 66 -8.83 -49.72 -21.67
N ASN B 67 -9.62 -49.06 -20.82
CA ASN B 67 -9.27 -49.00 -19.41
C ASN B 67 -9.39 -50.35 -18.72
N MET B 68 -10.34 -51.18 -19.13
CA MET B 68 -10.45 -52.51 -18.54
C MET B 68 -9.21 -53.35 -18.80
N TYR B 69 -8.49 -53.11 -19.90
CA TYR B 69 -7.33 -53.92 -20.28
C TYR B 69 -6.00 -53.26 -19.94
N GLY B 70 -5.97 -52.30 -19.02
CA GLY B 70 -4.77 -51.64 -18.56
C GLY B 70 -4.20 -50.57 -19.47
N PHE B 71 -4.92 -50.21 -20.53
CA PHE B 71 -4.48 -49.12 -21.39
C PHE B 71 -4.69 -47.80 -20.66
N ARG B 72 -3.77 -46.86 -20.84
CA ARG B 72 -3.86 -45.58 -20.15
C ARG B 72 -3.74 -44.49 -21.19
N LYS B 73 -4.42 -43.37 -20.98
CA LYS B 73 -4.34 -42.25 -21.92
C LYS B 73 -3.04 -41.48 -21.78
N VAL B 74 -2.38 -41.22 -22.90
CA VAL B 74 -1.19 -40.38 -22.93
C VAL B 74 -1.64 -38.94 -23.12
N VAL B 75 -1.34 -38.09 -22.16
CA VAL B 75 -1.78 -36.70 -22.18
C VAL B 75 -0.75 -35.88 -22.96
N HIS B 76 -1.25 -35.02 -23.84
CA HIS B 76 -0.42 -34.14 -24.64
C HIS B 76 -0.34 -32.78 -23.96
N ILE B 77 0.86 -32.21 -23.93
CA ILE B 77 1.01 -30.89 -23.33
C ILE B 77 0.27 -29.81 -24.11
N GLU B 78 -0.18 -30.11 -25.33
CA GLU B 78 -0.94 -29.16 -26.12
C GLU B 78 -2.40 -29.08 -25.71
N GLN B 79 -2.92 -30.10 -25.03
CA GLN B 79 -4.27 -30.04 -24.51
C GLN B 79 -4.31 -29.21 -23.22
N GLY B 80 -5.52 -28.85 -22.81
CA GLY B 80 -5.73 -28.16 -21.55
C GLY B 80 -6.00 -26.68 -21.67
N GLY B 81 -5.88 -26.10 -22.87
CA GLY B 81 -6.13 -24.69 -23.07
C GLY B 81 -7.50 -24.44 -23.69
N LEU B 82 -7.87 -23.15 -23.70
CA LEU B 82 -9.09 -22.74 -24.38
C LEU B 82 -8.97 -22.81 -25.89
N VAL B 83 -7.76 -22.99 -26.41
CA VAL B 83 -7.54 -23.13 -27.84
C VAL B 83 -7.69 -24.59 -28.24
N ASP B 88 -8.33 -32.90 -32.84
CA ASP B 88 -8.92 -34.13 -32.31
C ASP B 88 -7.93 -35.29 -32.41
N ASP B 89 -7.11 -35.44 -31.38
CA ASP B 89 -6.09 -36.50 -31.34
C ASP B 89 -6.06 -37.08 -29.94
N THR B 90 -6.52 -38.31 -29.80
CA THR B 90 -6.54 -39.03 -28.54
C THR B 90 -5.58 -40.21 -28.62
N GLU B 91 -4.67 -40.32 -27.65
CA GLU B 91 -3.63 -41.34 -27.66
C GLU B 91 -3.75 -42.25 -26.44
N PHE B 92 -3.59 -43.55 -26.68
CA PHE B 92 -3.59 -44.57 -25.64
C PHE B 92 -2.37 -45.48 -25.79
N GLN B 93 -1.93 -46.04 -24.66
CA GLN B 93 -0.77 -46.90 -24.65
C GLN B 93 -0.95 -48.03 -23.64
N HIS B 94 -0.27 -49.14 -23.89
CA HIS B 94 -0.16 -50.24 -22.94
C HIS B 94 1.24 -50.79 -23.15
N PRO B 95 1.98 -51.09 -22.08
CA PRO B 95 3.36 -51.58 -22.25
C PRO B 95 3.47 -52.85 -23.08
N CYS B 96 2.40 -53.62 -23.22
CA CYS B 96 2.43 -54.85 -24.01
C CYS B 96 1.66 -54.73 -25.33
N PHE B 97 1.31 -53.52 -25.74
CA PHE B 97 0.64 -53.27 -27.02
C PHE B 97 1.61 -52.54 -27.93
N LEU B 98 2.43 -53.30 -28.67
CA LEU B 98 3.50 -52.74 -29.50
C LEU B 98 3.37 -53.22 -30.93
N ARG B 99 3.64 -52.31 -31.86
CA ARG B 99 3.61 -52.65 -33.28
C ARG B 99 4.66 -53.72 -33.58
N GLY B 100 4.26 -54.70 -34.39
CA GLY B 100 5.14 -55.79 -34.72
C GLY B 100 5.36 -56.80 -33.61
N GLN B 101 4.54 -56.77 -32.56
CA GLN B 101 4.65 -57.71 -31.44
C GLN B 101 3.27 -58.21 -31.05
N GLU B 102 2.56 -58.82 -32.01
CA GLU B 102 1.21 -59.30 -31.75
C GLU B 102 1.18 -60.36 -30.67
N GLN B 103 2.22 -61.20 -30.60
CA GLN B 103 2.29 -62.23 -29.57
C GLN B 103 2.18 -61.65 -28.15
N LEU B 104 2.58 -60.38 -27.96
CA LEU B 104 2.56 -59.80 -26.62
C LEU B 104 1.16 -59.61 -26.07
N LEU B 105 0.12 -59.66 -26.92
CA LEU B 105 -1.24 -59.51 -26.43
C LEU B 105 -1.63 -60.63 -25.47
N GLU B 106 -0.92 -61.76 -25.51
CA GLU B 106 -1.19 -62.83 -24.58
C GLU B 106 -0.96 -62.40 -23.14
N ASN B 107 -0.09 -61.41 -22.92
CA ASN B 107 0.23 -60.99 -21.57
C ASN B 107 -0.64 -59.86 -21.07
N ILE B 108 -1.51 -59.30 -21.91
CA ILE B 108 -2.44 -58.28 -21.43
C ILE B 108 -3.62 -59.02 -20.82
N LYS B 109 -3.80 -58.89 -19.51
CA LYS B 109 -4.85 -59.61 -18.82
C LYS B 109 -5.90 -58.59 -18.40
N ARG B 110 -7.16 -58.93 -18.65
CA ARG B 110 -8.28 -58.02 -18.36
C ARG B 110 -8.59 -57.98 -16.87
N LYS B 111 -8.93 -56.78 -16.39
CA LYS B 111 -9.27 -56.63 -14.97
C LYS B 111 -10.52 -57.41 -14.60
N VAL B 112 -10.56 -57.84 -13.35
CA VAL B 112 -11.65 -58.69 -12.85
C VAL B 112 -12.65 -57.85 -12.07
N HIS C 7 4.12 -39.16 -11.71
CA HIS C 7 3.70 -38.32 -12.83
C HIS C 7 3.53 -36.86 -12.42
N VAL C 8 4.16 -35.96 -13.17
CA VAL C 8 4.18 -34.54 -12.84
C VAL C 8 2.91 -33.87 -13.36
N PRO C 9 2.18 -33.15 -12.52
CA PRO C 9 0.92 -32.54 -12.96
C PRO C 9 1.11 -31.57 -14.11
N ALA C 10 0.06 -31.43 -14.92
CA ALA C 10 0.12 -30.57 -16.10
C ALA C 10 0.54 -29.16 -15.74
N PHE C 11 0.07 -28.64 -14.60
CA PHE C 11 0.36 -27.26 -14.24
C PHE C 11 1.86 -27.01 -14.17
N LEU C 12 2.60 -27.91 -13.53
CA LEU C 12 4.04 -27.69 -13.38
C LEU C 12 4.76 -27.78 -14.72
N THR C 13 4.42 -28.78 -15.54
CA THR C 13 5.04 -28.89 -16.85
C THR C 13 4.68 -27.70 -17.73
N LYS C 14 3.43 -27.25 -17.67
CA LYS C 14 3.03 -26.09 -18.45
C LYS C 14 3.73 -24.83 -17.96
N LEU C 15 3.82 -24.64 -16.65
CA LEU C 15 4.50 -23.46 -16.13
C LEU C 15 5.98 -23.46 -16.49
N TRP C 16 6.63 -24.62 -16.41
CA TRP C 16 8.02 -24.75 -16.86
C TRP C 16 8.17 -24.36 -18.31
N THR C 17 7.30 -24.90 -19.17
CA THR C 17 7.34 -24.53 -20.58
C THR C 17 7.15 -23.03 -20.72
N LEU C 18 6.22 -22.45 -19.97
CA LEU C 18 5.87 -21.04 -20.12
C LEU C 18 7.02 -20.13 -19.74
N VAL C 19 7.69 -20.44 -18.64
CA VAL C 19 8.79 -19.63 -18.19
C VAL C 19 9.99 -19.81 -19.12
N SER C 20 10.27 -21.05 -19.51
CA SER C 20 11.45 -21.32 -20.32
C SER C 20 11.28 -20.90 -21.77
N ASP C 21 10.05 -20.76 -22.24
CA ASP C 21 9.79 -20.40 -23.63
C ASP C 21 10.33 -19.01 -23.93
N PRO C 22 11.33 -18.86 -24.80
CA PRO C 22 11.86 -17.52 -25.10
C PRO C 22 10.89 -16.63 -25.86
N ASP C 23 9.87 -17.21 -26.51
CA ASP C 23 8.92 -16.39 -27.23
C ASP C 23 8.04 -15.58 -26.29
N THR C 24 7.79 -16.08 -25.08
CA THR C 24 6.95 -15.40 -24.11
C THR C 24 7.74 -14.55 -23.12
N ASP C 25 9.07 -14.49 -23.26
CA ASP C 25 9.93 -13.81 -22.30
C ASP C 25 9.55 -12.36 -22.03
N ALA C 26 8.86 -11.70 -22.98
CA ALA C 26 8.42 -10.33 -22.74
C ALA C 26 7.35 -10.25 -21.66
N LEU C 27 6.61 -11.34 -21.43
CA LEU C 27 5.55 -11.38 -20.43
C LEU C 27 5.88 -12.24 -19.22
N ILE C 28 6.56 -13.37 -19.42
CA ILE C 28 6.93 -14.27 -18.33
C ILE C 28 8.27 -14.92 -18.67
N CYS C 29 9.21 -14.86 -17.74
CA CYS C 29 10.55 -15.38 -18.00
C CYS C 29 11.26 -15.63 -16.67
N TRP C 30 12.38 -16.34 -16.75
CA TRP C 30 13.20 -16.58 -15.57
C TRP C 30 13.84 -15.28 -15.10
N SER C 31 14.13 -15.23 -13.80
CA SER C 31 14.98 -14.18 -13.28
C SER C 31 16.41 -14.45 -13.74
N PRO C 32 17.28 -13.44 -13.70
CA PRO C 32 18.69 -13.67 -14.12
C PRO C 32 19.36 -14.85 -13.43
N SER C 33 19.16 -15.01 -12.12
CA SER C 33 19.76 -16.15 -11.42
C SER C 33 19.06 -17.47 -11.75
N GLY C 34 17.84 -17.42 -12.27
CA GLY C 34 17.09 -18.63 -12.57
C GLY C 34 16.51 -19.35 -11.39
N ASN C 35 16.27 -18.64 -10.27
CA ASN C 35 15.68 -19.21 -9.08
C ASN C 35 14.26 -18.72 -8.84
N SER C 36 13.75 -17.86 -9.73
CA SER C 36 12.39 -17.34 -9.65
C SER C 36 11.99 -16.93 -11.06
N PHE C 37 10.72 -16.53 -11.20
CA PHE C 37 10.25 -16.05 -12.50
C PHE C 37 9.41 -14.80 -12.31
N HIS C 38 9.42 -13.95 -13.35
CA HIS C 38 8.70 -12.69 -13.35
C HIS C 38 7.53 -12.75 -14.32
N VAL C 39 6.47 -12.00 -14.01
CA VAL C 39 5.36 -11.79 -14.92
C VAL C 39 5.24 -10.27 -15.13
N PHE C 40 5.37 -9.82 -16.37
CA PHE C 40 5.32 -8.40 -16.70
C PHE C 40 3.98 -8.09 -17.37
N ASP C 41 3.34 -7.02 -16.89
CA ASP C 41 2.01 -6.63 -17.34
C ASP C 41 1.07 -7.79 -17.06
N GLN C 42 0.68 -7.88 -15.78
CA GLN C 42 -0.16 -8.97 -15.30
C GLN C 42 -1.47 -9.07 -16.10
N GLY C 43 -2.03 -7.94 -16.50
CA GLY C 43 -3.26 -7.96 -17.29
C GLY C 43 -3.06 -8.55 -18.67
N GLN C 44 -2.04 -8.09 -19.39
CA GLN C 44 -1.77 -8.58 -20.73
C GLN C 44 -1.34 -10.04 -20.70
N PHE C 45 -0.54 -10.43 -19.70
CA PHE C 45 -0.18 -11.83 -19.54
C PHE C 45 -1.46 -12.66 -19.41
N ALA C 46 -2.39 -12.19 -18.57
CA ALA C 46 -3.59 -12.96 -18.31
C ALA C 46 -4.44 -13.17 -19.56
N LYS C 47 -4.49 -12.17 -20.45
CA LYS C 47 -5.41 -12.25 -21.57
C LYS C 47 -4.86 -12.96 -22.80
N GLU C 48 -3.55 -12.99 -22.99
CA GLU C 48 -2.93 -13.56 -24.18
C GLU C 48 -2.15 -14.85 -24.01
N VAL C 49 -1.45 -15.07 -22.89
CA VAL C 49 -0.66 -16.28 -22.76
C VAL C 49 -1.40 -17.35 -21.95
N LEU C 50 -2.04 -16.97 -20.82
CA LEU C 50 -2.73 -17.96 -20.00
C LEU C 50 -3.75 -18.82 -20.73
N PRO C 51 -4.66 -18.27 -21.56
CA PRO C 51 -5.68 -19.14 -22.18
C PRO C 51 -5.14 -20.09 -23.25
N LYS C 52 -3.88 -19.93 -23.66
CA LYS C 52 -3.28 -20.85 -24.62
C LYS C 52 -2.64 -22.07 -23.93
N TYR C 53 -2.58 -22.05 -22.59
CA TYR C 53 -2.10 -23.14 -21.76
C TYR C 53 -3.13 -23.68 -20.78
N PHE C 54 -4.06 -22.85 -20.33
CA PHE C 54 -5.06 -23.23 -19.35
C PHE C 54 -6.44 -22.90 -19.91
N LYS C 55 -7.47 -23.43 -19.25
CA LYS C 55 -8.87 -23.16 -19.61
C LYS C 55 -9.39 -21.89 -18.95
N HIS C 56 -8.59 -20.83 -18.95
CA HIS C 56 -8.99 -19.56 -18.37
C HIS C 56 -8.01 -18.49 -18.83
N ASN C 57 -8.40 -17.24 -18.65
CA ASN C 57 -7.57 -16.08 -18.93
C ASN C 57 -7.48 -15.20 -17.70
N ASN C 58 -7.40 -15.84 -16.55
CA ASN C 58 -7.61 -15.20 -15.26
C ASN C 58 -6.32 -15.28 -14.45
N MET C 59 -5.76 -14.11 -14.08
CA MET C 59 -4.53 -14.10 -13.31
C MET C 59 -4.72 -14.69 -11.93
N ALA C 60 -5.88 -14.44 -11.30
CA ALA C 60 -6.14 -14.97 -9.97
C ALA C 60 -6.14 -16.49 -9.96
N SER C 61 -6.63 -17.12 -11.03
CA SER C 61 -6.66 -18.56 -11.09
C SER C 61 -5.26 -19.13 -11.35
N PHE C 62 -4.42 -18.36 -12.04
CA PHE C 62 -3.02 -18.75 -12.20
C PHE C 62 -2.30 -18.70 -10.85
N VAL C 63 -2.52 -17.61 -10.10
CA VAL C 63 -1.88 -17.46 -8.79
C VAL C 63 -2.39 -18.51 -7.81
N ARG C 64 -3.69 -18.80 -7.82
CA ARG C 64 -4.24 -19.78 -6.90
C ARG C 64 -3.55 -21.13 -7.06
N GLN C 65 -3.29 -21.54 -8.29
CA GLN C 65 -2.59 -22.79 -8.52
C GLN C 65 -1.13 -22.70 -8.10
N LEU C 66 -0.51 -21.55 -8.30
CA LEU C 66 0.85 -21.38 -7.79
C LEU C 66 0.90 -21.61 -6.30
N ASN C 67 -0.07 -21.03 -5.56
CA ASN C 67 -0.12 -21.26 -4.12
C ASN C 67 -0.46 -22.70 -3.79
N MET C 68 -1.28 -23.35 -4.61
CA MET C 68 -1.58 -24.76 -4.39
C MET C 68 -0.34 -25.62 -4.50
N TYR C 69 0.64 -25.19 -5.29
CA TYR C 69 1.87 -25.94 -5.47
C TYR C 69 3.03 -25.37 -4.64
N GLY C 70 2.73 -24.56 -3.63
CA GLY C 70 3.74 -24.06 -2.73
C GLY C 70 4.57 -22.90 -3.21
N PHE C 71 4.21 -22.28 -4.33
CA PHE C 71 4.93 -21.10 -4.79
C PHE C 71 4.61 -19.91 -3.89
N ARG C 72 5.59 -19.04 -3.70
CA ARG C 72 5.50 -17.86 -2.86
C ARG C 72 5.84 -16.62 -3.67
N LYS C 73 5.17 -15.52 -3.36
CA LYS C 73 5.44 -14.26 -4.03
C LYS C 73 6.74 -13.66 -3.51
N VAL C 74 7.58 -13.20 -4.42
CA VAL C 74 8.83 -12.55 -4.08
C VAL C 74 8.55 -11.08 -3.79
N VAL C 75 8.92 -10.62 -2.59
CA VAL C 75 8.61 -9.26 -2.18
C VAL C 75 9.67 -8.30 -2.71
N HIS C 76 9.22 -7.21 -3.30
CA HIS C 76 10.11 -6.19 -3.86
C HIS C 76 10.27 -5.00 -2.91
N ASP C 89 7.65 -7.18 -12.75
CA ASP C 89 6.42 -6.63 -12.20
C ASP C 89 5.89 -7.50 -11.06
N THR C 90 5.76 -8.81 -11.32
CA THR C 90 5.30 -9.75 -10.32
C THR C 90 6.22 -10.97 -10.35
N GLU C 91 6.80 -11.31 -9.21
CA GLU C 91 7.81 -12.36 -9.13
C GLU C 91 7.35 -13.46 -8.20
N PHE C 92 7.56 -14.71 -8.62
CA PHE C 92 7.18 -15.88 -7.84
C PHE C 92 8.35 -16.84 -7.76
N GLN C 93 8.41 -17.61 -6.68
CA GLN C 93 9.51 -18.54 -6.47
C GLN C 93 9.01 -19.81 -5.78
N HIS C 94 9.73 -20.90 -6.04
CA HIS C 94 9.57 -22.18 -5.36
C HIS C 94 10.97 -22.77 -5.31
N PRO C 95 11.39 -23.34 -4.17
CA PRO C 95 12.77 -23.84 -4.06
C PRO C 95 13.11 -24.93 -5.08
N CYS C 96 12.13 -25.64 -5.62
CA CYS C 96 12.35 -26.70 -6.60
C CYS C 96 11.95 -26.29 -8.01
N PHE C 97 11.73 -25.00 -8.26
CA PHE C 97 11.44 -24.50 -9.60
C PHE C 97 12.66 -23.66 -10.01
N LEU C 98 13.64 -24.33 -10.60
CA LEU C 98 14.94 -23.72 -10.91
C LEU C 98 15.26 -23.92 -12.37
N ARG C 99 15.79 -22.89 -13.01
CA ARG C 99 16.16 -23.00 -14.42
C ARG C 99 17.28 -24.03 -14.58
N GLY C 100 17.16 -24.85 -15.61
CA GLY C 100 18.12 -25.91 -15.86
C GLY C 100 18.00 -27.11 -14.95
N GLN C 101 16.91 -27.23 -14.20
CA GLN C 101 16.68 -28.36 -13.31
C GLN C 101 15.22 -28.80 -13.45
N GLU C 102 14.82 -29.16 -14.67
CA GLU C 102 13.45 -29.58 -14.91
C GLU C 102 13.07 -30.81 -14.09
N GLN C 103 14.05 -31.70 -13.86
CA GLN C 103 13.79 -32.92 -13.08
C GLN C 103 13.23 -32.61 -11.70
N LEU C 104 13.55 -31.44 -11.13
CA LEU C 104 13.13 -31.12 -9.77
C LEU C 104 11.63 -30.94 -9.62
N LEU C 105 10.88 -30.76 -10.72
CA LEU C 105 9.44 -30.59 -10.58
C LEU C 105 8.76 -31.84 -10.01
N GLU C 106 9.44 -32.99 -10.07
CA GLU C 106 8.88 -34.20 -9.47
C GLU C 106 8.71 -34.06 -7.96
N ASN C 107 9.50 -33.20 -7.32
CA ASN C 107 9.49 -33.03 -5.88
C ASN C 107 8.50 -31.97 -5.41
N ILE C 108 7.83 -31.25 -6.31
CA ILE C 108 6.83 -30.25 -5.90
C ILE C 108 5.51 -30.97 -5.60
N LYS C 109 5.01 -30.83 -4.37
CA LYS C 109 3.79 -31.58 -4.02
C LYS C 109 2.63 -30.60 -4.03
N ARG C 110 1.50 -31.03 -4.59
CA ARG C 110 0.31 -30.19 -4.56
C ARG C 110 -0.34 -30.33 -3.19
N LYS C 111 -0.84 -29.21 -2.68
CA LYS C 111 -1.45 -29.20 -1.37
C LYS C 111 -2.68 -30.10 -1.33
N VAL C 112 -2.99 -30.61 -0.13
CA VAL C 112 -4.05 -31.58 0.04
C VAL C 112 -5.36 -30.91 0.44
N HIS D 7 8.84 7.80 32.44
CA HIS D 7 9.90 8.44 31.65
C HIS D 7 10.10 9.90 32.07
N VAL D 8 11.34 10.28 32.29
CA VAL D 8 11.66 11.63 32.78
C VAL D 8 11.64 12.59 31.60
N PRO D 9 10.91 13.71 31.67
CA PRO D 9 10.81 14.62 30.53
C PRO D 9 12.18 15.15 30.11
N ALA D 10 12.30 15.46 28.81
CA ALA D 10 13.57 15.91 28.25
C ALA D 10 14.14 17.11 28.99
N PHE D 11 13.28 18.04 29.41
CA PHE D 11 13.77 19.25 30.07
C PHE D 11 14.63 18.91 31.28
N LEU D 12 14.15 17.98 32.13
CA LEU D 12 14.88 17.66 33.34
C LEU D 12 16.20 16.95 33.05
N THR D 13 16.18 15.98 32.14
CA THR D 13 17.40 15.28 31.80
C THR D 13 18.41 16.23 31.16
N LYS D 14 17.93 17.11 30.28
CA LYS D 14 18.82 18.09 29.65
C LYS D 14 19.35 19.09 30.67
N LEU D 15 18.49 19.56 31.58
CA LEU D 15 18.93 20.53 32.57
C LEU D 15 19.97 19.92 33.51
N TRP D 16 19.74 18.69 33.97
CA TRP D 16 20.72 18.04 34.81
C TRP D 16 22.03 17.87 34.06
N THR D 17 21.96 17.45 32.79
CA THR D 17 23.15 17.25 31.99
C THR D 17 23.94 18.57 31.79
N LEU D 18 23.25 19.64 31.39
CA LEU D 18 23.98 20.87 31.08
C LEU D 18 24.54 21.51 32.36
N VAL D 19 23.83 21.40 33.48
CA VAL D 19 24.38 21.92 34.73
C VAL D 19 25.60 21.12 35.15
N SER D 20 25.54 19.79 34.98
CA SER D 20 26.65 18.93 35.39
C SER D 20 27.83 18.96 34.43
N ASP D 21 27.64 19.41 33.20
CA ASP D 21 28.73 19.44 32.23
C ASP D 21 29.83 20.41 32.69
N PRO D 22 31.05 19.91 32.95
CA PRO D 22 32.12 20.81 33.39
C PRO D 22 32.56 21.80 32.33
N ASP D 23 32.29 21.51 31.05
CA ASP D 23 32.70 22.44 30.00
C ASP D 23 31.90 23.74 30.04
N THR D 24 30.67 23.71 30.55
CA THR D 24 29.82 24.89 30.63
C THR D 24 29.86 25.57 32.00
N ASP D 25 30.66 25.05 32.94
CA ASP D 25 30.64 25.54 34.32
C ASP D 25 30.85 27.04 34.45
N ALA D 26 31.51 27.67 33.47
CA ALA D 26 31.71 29.12 33.55
C ALA D 26 30.39 29.88 33.38
N LEU D 27 29.38 29.25 32.80
CA LEU D 27 28.09 29.88 32.58
C LEU D 27 26.98 29.31 33.45
N ILE D 28 27.00 28.01 33.73
CA ILE D 28 26.00 27.35 34.54
C ILE D 28 26.65 26.19 35.27
N CYS D 29 26.48 26.12 36.59
CA CYS D 29 27.14 25.08 37.37
C CYS D 29 26.43 24.89 38.70
N TRP D 30 26.77 23.79 39.36
CA TRP D 30 26.23 23.49 40.69
C TRP D 30 26.78 24.45 41.74
N SER D 31 26.00 24.64 42.80
CA SER D 31 26.48 25.32 43.98
C SER D 31 27.46 24.42 44.72
N PRO D 32 28.29 24.96 45.62
CA PRO D 32 29.23 24.11 46.36
C PRO D 32 28.58 22.91 47.02
N SER D 33 27.41 23.08 47.63
CA SER D 33 26.71 21.96 48.25
C SER D 33 26.07 21.03 47.24
N GLY D 34 25.87 21.48 46.00
CA GLY D 34 25.20 20.68 45.00
C GLY D 34 23.71 20.54 45.17
N ASN D 35 23.08 21.49 45.86
CA ASN D 35 21.63 21.48 46.08
C ASN D 35 20.93 22.56 45.29
N SER D 36 21.65 23.34 44.49
CA SER D 36 21.10 24.37 43.62
C SER D 36 22.09 24.60 42.50
N PHE D 37 21.70 25.42 41.52
CA PHE D 37 22.59 25.74 40.42
C PHE D 37 22.54 27.22 40.11
N HIS D 38 23.65 27.73 39.58
CA HIS D 38 23.80 29.13 39.24
C HIS D 38 23.91 29.30 37.73
N VAL D 39 23.43 30.44 37.25
CA VAL D 39 23.62 30.84 35.86
C VAL D 39 24.35 32.18 35.88
N PHE D 40 25.53 32.22 35.26
CA PHE D 40 26.33 33.44 35.20
C PHE D 40 26.26 34.03 33.81
N ASP D 41 25.99 35.34 33.72
CA ASP D 41 25.84 36.02 32.44
C ASP D 41 24.70 35.41 31.64
N GLN D 42 23.47 35.81 31.97
CA GLN D 42 22.29 35.26 31.31
C GLN D 42 22.37 35.42 29.80
N GLY D 43 22.92 36.55 29.33
CA GLY D 43 22.97 36.80 27.90
C GLY D 43 23.80 35.80 27.15
N GLN D 44 25.01 35.53 27.63
CA GLN D 44 25.86 34.58 26.94
C GLN D 44 25.32 33.16 27.08
N PHE D 45 24.81 32.82 28.26
CA PHE D 45 24.22 31.50 28.47
C PHE D 45 23.06 31.28 27.50
N ALA D 46 22.18 32.26 27.37
CA ALA D 46 21.04 32.13 26.46
C ALA D 46 21.48 32.04 24.99
N LYS D 47 22.56 32.76 24.61
CA LYS D 47 23.04 32.75 23.23
C LYS D 47 23.84 31.54 22.83
N GLU D 48 24.53 30.94 23.77
CA GLU D 48 25.45 29.90 23.43
C GLU D 48 25.03 28.53 23.90
N VAL D 49 24.40 28.41 25.06
CA VAL D 49 24.14 27.10 25.64
C VAL D 49 22.72 26.62 25.34
N LEU D 50 21.72 27.49 25.57
CA LEU D 50 20.33 27.10 25.40
C LEU D 50 20.03 26.49 24.04
N PRO D 51 20.40 27.09 22.90
CA PRO D 51 19.99 26.51 21.61
C PRO D 51 20.66 25.18 21.30
N LYS D 52 21.66 24.76 22.07
CA LYS D 52 22.27 23.44 21.86
C LYS D 52 21.48 22.33 22.53
N TYR D 53 20.54 22.67 23.41
CA TYR D 53 19.71 21.69 24.10
C TYR D 53 18.23 21.85 23.81
N PHE D 54 17.77 23.06 23.54
CA PHE D 54 16.36 23.36 23.36
C PHE D 54 16.14 24.06 22.03
N LYS D 55 14.88 24.18 21.65
CA LYS D 55 14.49 24.84 20.40
C LYS D 55 14.31 26.34 20.60
N HIS D 56 15.22 26.97 21.34
CA HIS D 56 15.14 28.41 21.61
C HIS D 56 16.47 28.86 22.21
N ASN D 57 16.67 30.16 22.22
CA ASN D 57 17.82 30.80 22.86
C ASN D 57 17.33 31.86 23.81
N ASN D 58 16.24 31.56 24.51
CA ASN D 58 15.48 32.54 25.25
C ASN D 58 15.52 32.21 26.74
N MET D 59 16.09 33.12 27.55
CA MET D 59 16.18 32.88 28.99
C MET D 59 14.80 32.81 29.62
N ALA D 60 13.86 33.63 29.14
CA ALA D 60 12.52 33.65 29.69
C ALA D 60 11.82 32.31 29.49
N SER D 61 12.08 31.63 28.36
CA SER D 61 11.47 30.33 28.13
C SER D 61 12.14 29.24 28.96
N PHE D 62 13.43 29.41 29.27
CA PHE D 62 14.11 28.52 30.20
C PHE D 62 13.57 28.71 31.61
N VAL D 63 13.39 29.97 32.03
CA VAL D 63 12.86 30.25 33.34
C VAL D 63 11.40 29.78 33.46
N ARG D 64 10.61 29.96 32.40
CA ARG D 64 9.23 29.48 32.42
C ARG D 64 9.18 27.98 32.70
N GLN D 65 10.09 27.22 32.08
CA GLN D 65 10.15 25.78 32.30
C GLN D 65 10.54 25.46 33.74
N LEU D 66 11.50 26.21 34.30
CA LEU D 66 11.92 25.96 35.67
C LEU D 66 10.76 26.11 36.64
N ASN D 67 9.97 27.19 36.52
CA ASN D 67 8.82 27.34 37.39
C ASN D 67 7.76 26.28 37.11
N MET D 68 7.63 25.85 35.85
CA MET D 68 6.67 24.79 35.54
C MET D 68 7.03 23.48 36.24
N TYR D 69 8.32 23.26 36.51
CA TYR D 69 8.77 22.05 37.18
C TYR D 69 9.04 22.28 38.67
N GLY D 70 8.50 23.36 39.24
CA GLY D 70 8.61 23.59 40.67
C GLY D 70 9.94 24.15 41.15
N PHE D 71 10.81 24.56 40.24
CA PHE D 71 12.05 25.20 40.66
C PHE D 71 11.75 26.59 41.21
N ARG D 72 12.53 27.00 42.22
CA ARG D 72 12.34 28.29 42.86
C ARG D 72 13.62 29.10 42.76
N LYS D 73 13.48 30.39 42.53
CA LYS D 73 14.63 31.25 42.46
C LYS D 73 15.12 31.53 43.88
N VAL D 74 16.41 31.34 44.10
CA VAL D 74 17.04 31.69 45.37
C VAL D 74 17.44 33.16 45.30
N VAL D 75 16.89 33.97 46.18
CA VAL D 75 17.15 35.41 46.14
C VAL D 75 18.44 35.71 46.89
N HIS D 76 19.28 36.54 46.29
CA HIS D 76 20.56 36.92 46.87
C HIS D 76 20.44 38.28 47.56
N ILE D 77 21.21 38.44 48.64
CA ILE D 77 21.20 39.65 49.45
C ILE D 77 21.60 40.87 48.63
N ASP D 89 25.01 34.21 40.76
CA ASP D 89 24.40 35.40 40.14
C ASP D 89 22.87 35.25 40.13
N THR D 90 22.35 34.40 39.25
CA THR D 90 20.95 33.99 39.32
C THR D 90 20.93 32.50 39.68
N GLU D 91 20.26 32.18 40.78
CA GLU D 91 20.30 30.83 41.36
C GLU D 91 18.91 30.23 41.44
N PHE D 92 18.82 28.96 41.08
CA PHE D 92 17.57 28.20 41.17
C PHE D 92 17.83 26.89 41.89
N GLN D 93 16.78 26.40 42.54
CA GLN D 93 16.86 25.16 43.31
C GLN D 93 15.54 24.41 43.21
N HIS D 94 15.63 23.09 43.38
CA HIS D 94 14.51 22.19 43.55
C HIS D 94 15.06 21.11 44.48
N PRO D 95 14.29 20.69 45.49
CA PRO D 95 14.82 19.71 46.46
C PRO D 95 15.24 18.39 45.83
N CYS D 96 14.75 18.05 44.64
CA CYS D 96 15.09 16.80 43.97
C CYS D 96 16.02 17.01 42.78
N PHE D 97 16.61 18.19 42.65
CA PHE D 97 17.58 18.48 41.60
C PHE D 97 18.92 18.62 42.31
N LEU D 98 19.63 17.50 42.46
CA LEU D 98 20.84 17.41 43.27
C LEU D 98 22.02 16.87 42.46
N ARG D 99 23.21 17.42 42.73
CA ARG D 99 24.40 16.98 42.01
C ARG D 99 24.73 15.53 42.33
N GLY D 100 25.05 14.76 41.28
CA GLY D 100 25.37 13.36 41.42
C GLY D 100 24.23 12.41 41.72
N GLN D 101 22.98 12.85 41.61
CA GLN D 101 21.79 12.03 41.89
C GLN D 101 20.77 12.22 40.77
N GLU D 102 21.14 11.78 39.54
CA GLU D 102 20.30 11.99 38.35
C GLU D 102 18.97 11.27 38.43
N GLN D 103 18.98 10.09 39.01
CA GLN D 103 17.73 9.37 39.09
C GLN D 103 16.75 9.94 40.08
N LEU D 104 17.15 10.93 40.86
CA LEU D 104 16.20 11.68 41.65
C LEU D 104 15.26 12.56 40.82
N LEU D 105 15.59 12.82 39.55
CA LEU D 105 14.71 13.64 38.71
C LEU D 105 13.35 13.01 38.49
N GLU D 106 13.20 11.71 38.75
CA GLU D 106 11.91 11.05 38.61
C GLU D 106 10.86 11.65 39.53
N ASN D 107 11.26 12.27 40.64
CA ASN D 107 10.31 12.77 41.63
C ASN D 107 9.88 14.21 41.39
N ILE D 108 10.43 14.88 40.39
CA ILE D 108 10.06 16.26 40.06
C ILE D 108 8.78 16.23 39.24
N LYS D 109 7.76 16.95 39.72
CA LYS D 109 6.45 16.93 39.08
C LYS D 109 6.26 18.19 38.25
N ARG D 110 5.85 18.01 37.00
CA ARG D 110 5.54 19.15 36.15
C ARG D 110 4.13 19.62 36.46
N LYS D 111 3.96 20.93 36.59
CA LYS D 111 2.64 21.44 36.89
C LYS D 111 1.69 21.23 35.72
N VAL D 112 0.41 21.07 36.03
CA VAL D 112 -0.58 20.77 35.01
C VAL D 112 -1.37 22.01 34.62
N VAL E 8 1.45 61.88 34.22
CA VAL E 8 1.85 60.76 33.37
C VAL E 8 2.92 59.96 34.11
N PRO E 9 2.73 58.64 34.23
CA PRO E 9 3.67 57.82 35.00
C PRO E 9 5.09 57.90 34.46
N ALA E 10 6.05 57.75 35.36
CA ALA E 10 7.47 57.88 35.00
C ALA E 10 7.85 56.91 33.88
N PHE E 11 7.30 55.70 33.89
CA PHE E 11 7.70 54.69 32.91
C PHE E 11 7.47 55.20 31.49
N LEU E 12 6.31 55.80 31.23
CA LEU E 12 5.98 56.25 29.88
C LEU E 12 6.88 57.40 29.44
N THR E 13 7.10 58.39 30.32
CA THR E 13 7.98 59.50 29.97
C THR E 13 9.40 59.02 29.79
N LYS E 14 9.86 58.11 30.64
CA LYS E 14 11.20 57.55 30.49
C LYS E 14 11.30 56.71 29.22
N LEU E 15 10.28 55.90 28.94
CA LEU E 15 10.31 55.08 27.73
C LEU E 15 10.31 55.95 26.48
N TRP E 16 9.46 56.98 26.45
CA TRP E 16 9.44 57.88 25.29
C TRP E 16 10.80 58.54 25.11
N THR E 17 11.39 59.03 26.19
CA THR E 17 12.69 59.68 26.12
C THR E 17 13.77 58.74 25.60
N LEU E 18 13.86 57.54 26.17
CA LEU E 18 14.94 56.63 25.80
C LEU E 18 14.76 56.11 24.37
N VAL E 19 13.53 55.89 23.93
CA VAL E 19 13.31 55.50 22.54
C VAL E 19 13.67 56.64 21.61
N SER E 20 13.31 57.87 21.97
CA SER E 20 13.58 59.04 21.13
C SER E 20 15.04 59.47 21.15
N ASP E 21 15.80 59.06 22.15
CA ASP E 21 17.20 59.47 22.29
C ASP E 21 18.02 58.97 21.10
N PRO E 22 18.63 59.86 20.30
CA PRO E 22 19.37 59.40 19.11
C PRO E 22 20.66 58.59 19.41
N ASP E 23 21.29 58.70 20.60
CA ASP E 23 22.44 57.84 20.92
C ASP E 23 22.08 56.39 21.14
N THR E 24 20.88 56.10 21.62
CA THR E 24 20.57 54.72 21.88
C THR E 24 19.93 54.05 20.69
N ASP E 25 19.82 54.76 19.57
CA ASP E 25 19.16 54.22 18.38
C ASP E 25 19.78 52.91 17.94
N ALA E 26 21.06 52.68 18.27
CA ALA E 26 21.70 51.41 17.93
C ALA E 26 21.14 50.26 18.76
N LEU E 27 20.56 50.55 19.93
CA LEU E 27 19.99 49.54 20.79
C LEU E 27 18.47 49.60 20.84
N ILE E 28 17.89 50.79 20.82
CA ILE E 28 16.44 50.98 20.86
C ILE E 28 16.10 52.25 20.08
N CYS E 29 15.13 52.15 19.17
CA CYS E 29 14.77 53.28 18.34
C CYS E 29 13.36 53.08 17.81
N TRP E 30 12.81 54.17 17.26
CA TRP E 30 11.51 54.12 16.61
C TRP E 30 11.59 53.32 15.32
N SER E 31 10.47 52.74 14.92
CA SER E 31 10.37 52.18 13.59
C SER E 31 10.31 53.32 12.56
N PRO E 32 10.57 53.03 11.29
CA PRO E 32 10.49 54.10 10.27
C PRO E 32 9.16 54.86 10.29
N SER E 33 8.03 54.16 10.45
CA SER E 33 6.75 54.84 10.51
C SER E 33 6.54 55.60 11.81
N GLY E 34 7.30 55.28 12.85
CA GLY E 34 7.12 55.92 14.14
C GLY E 34 5.90 55.47 14.90
N ASN E 35 5.39 54.27 14.62
CA ASN E 35 4.23 53.73 15.32
C ASN E 35 4.59 52.57 16.24
N SER E 36 5.86 52.21 16.31
CA SER E 36 6.35 51.15 17.17
C SER E 36 7.83 51.42 17.44
N PHE E 37 8.43 50.62 18.31
CA PHE E 37 9.86 50.75 18.57
C PHE E 37 10.49 49.38 18.62
N HIS E 38 11.77 49.32 18.24
CA HIS E 38 12.54 48.08 18.20
C HIS E 38 13.61 48.11 19.28
N VAL E 39 13.93 46.94 19.81
CA VAL E 39 15.08 46.77 20.68
C VAL E 39 16.00 45.73 20.05
N PHE E 40 17.24 46.13 19.79
CA PHE E 40 18.26 45.30 19.18
C PHE E 40 19.28 44.89 20.23
N ASP E 41 19.62 43.61 20.29
CA ASP E 41 20.55 43.09 21.29
C ASP E 41 20.05 43.37 22.70
N GLN E 42 19.11 42.54 23.17
CA GLN E 42 18.46 42.75 24.47
C GLN E 42 19.44 42.79 25.63
N GLY E 43 20.45 41.93 25.61
CA GLY E 43 21.40 41.90 26.70
C GLY E 43 22.14 43.22 26.83
N GLN E 44 22.63 43.75 25.72
CA GLN E 44 23.44 44.96 25.81
C GLN E 44 22.56 46.16 26.21
N PHE E 45 21.33 46.22 25.66
CA PHE E 45 20.36 47.24 26.05
C PHE E 45 20.03 47.17 27.55
N ALA E 46 19.80 45.95 28.06
CA ALA E 46 19.39 45.79 29.46
C ALA E 46 20.47 46.27 30.41
N LYS E 47 21.74 46.04 30.06
CA LYS E 47 22.83 46.36 30.94
C LYS E 47 23.34 47.78 30.75
N GLU E 48 23.04 48.42 29.62
CA GLU E 48 23.63 49.71 29.30
C GLU E 48 22.63 50.84 29.40
N VAL E 49 21.38 50.60 29.01
CA VAL E 49 20.35 51.62 28.93
C VAL E 49 19.40 51.55 30.11
N LEU E 50 18.91 50.35 30.42
CA LEU E 50 17.91 50.21 31.48
C LEU E 50 18.35 50.79 32.83
N PRO E 51 19.54 50.51 33.35
CA PRO E 51 19.89 51.07 34.67
C PRO E 51 20.10 52.58 34.63
N LYS E 52 20.13 53.18 33.44
CA LYS E 52 20.26 54.63 33.36
C LYS E 52 18.93 55.33 33.54
N TYR E 53 17.82 54.59 33.43
CA TYR E 53 16.48 55.15 33.59
C TYR E 53 15.68 54.51 34.71
N PHE E 54 15.95 53.25 35.03
CA PHE E 54 15.19 52.50 36.02
C PHE E 54 16.15 51.94 37.05
N LYS E 55 15.57 51.45 38.14
CA LYS E 55 16.34 50.85 39.23
C LYS E 55 16.55 49.35 39.05
N HIS E 56 16.87 48.94 37.83
CA HIS E 56 17.10 47.54 37.51
C HIS E 56 17.82 47.48 36.16
N ASN E 57 18.36 46.31 35.86
CA ASN E 57 18.99 46.06 34.56
C ASN E 57 18.40 44.81 33.92
N ASN E 58 17.10 44.61 34.08
CA ASN E 58 16.45 43.36 33.69
C ASN E 58 15.47 43.61 32.56
N MET E 59 15.66 42.90 31.45
CA MET E 59 14.74 43.02 30.33
C MET E 59 13.36 42.50 30.72
N ALA E 60 13.29 41.49 31.57
CA ALA E 60 12.00 40.93 31.99
C ALA E 60 11.17 41.97 32.73
N SER E 61 11.81 42.84 33.52
CA SER E 61 11.06 43.88 34.22
C SER E 61 10.68 45.02 33.29
N PHE E 62 11.48 45.25 32.26
CA PHE E 62 11.08 46.22 31.23
C PHE E 62 9.89 45.68 30.43
N VAL E 63 9.94 44.39 30.06
CA VAL E 63 8.85 43.79 29.30
C VAL E 63 7.58 43.74 30.14
N ARG E 64 7.72 43.41 31.43
CA ARG E 64 6.55 43.37 32.31
C ARG E 64 5.86 44.73 32.34
N GLN E 65 6.65 45.81 32.42
CA GLN E 65 6.06 47.13 32.42
C GLN E 65 5.37 47.44 31.10
N LEU E 66 5.96 47.02 29.98
CA LEU E 66 5.34 47.27 28.67
C LEU E 66 3.97 46.61 28.58
N ASN E 67 3.86 45.33 28.97
CA ASN E 67 2.55 44.69 28.94
C ASN E 67 1.61 45.33 29.93
N MET E 68 2.14 45.82 31.05
CA MET E 68 1.32 46.48 32.05
C MET E 68 0.66 47.73 31.50
N TYR E 69 1.30 48.39 30.54
CA TYR E 69 0.77 49.60 29.94
C TYR E 69 0.11 49.33 28.59
N GLY E 70 -0.24 48.08 28.31
CA GLY E 70 -0.94 47.74 27.10
C GLY E 70 -0.08 47.62 25.87
N PHE E 71 1.24 47.66 25.99
CA PHE E 71 2.07 47.44 24.81
C PHE E 71 1.99 45.99 24.39
N ARG E 72 2.05 45.75 23.08
CA ARG E 72 1.99 44.41 22.54
C ARG E 72 3.22 44.17 21.67
N LYS E 73 3.70 42.93 21.70
CA LYS E 73 4.84 42.55 20.88
C LYS E 73 4.38 42.35 19.44
N VAL E 74 5.10 42.96 18.51
CA VAL E 74 4.87 42.73 17.09
C VAL E 74 5.75 41.56 16.66
N VAL E 75 5.13 40.45 16.27
CA VAL E 75 5.85 39.24 15.94
C VAL E 75 6.26 39.28 14.48
N HIS E 76 7.52 38.95 14.21
CA HIS E 76 8.05 38.94 12.86
C HIS E 76 8.00 37.55 12.27
N ILE E 77 7.79 37.48 10.95
CA ILE E 77 7.72 36.19 10.27
C ILE E 77 9.08 35.52 10.20
N GLU E 78 10.16 36.28 10.37
CA GLU E 78 11.50 35.69 10.34
C GLU E 78 11.77 34.84 11.57
N GLN E 79 11.09 35.10 12.67
CA GLN E 79 11.27 34.32 13.88
C GLN E 79 10.35 33.10 13.86
N GLY E 80 10.68 32.12 14.70
CA GLY E 80 9.87 30.94 14.89
C GLY E 80 10.46 29.66 14.35
N GLY E 81 11.54 29.75 13.58
CA GLY E 81 12.17 28.55 13.11
C GLY E 81 13.53 28.31 13.70
N LEU E 82 14.01 27.07 13.60
CA LEU E 82 15.43 26.83 13.76
C LEU E 82 16.19 27.76 12.83
N VAL E 83 17.45 28.02 13.19
CA VAL E 83 18.28 29.10 12.64
C VAL E 83 17.58 30.44 12.85
N LYS E 84 18.13 31.24 13.73
CA LYS E 84 17.62 32.55 14.04
C LYS E 84 17.81 33.46 12.84
N PRO E 85 17.07 34.56 12.79
CA PRO E 85 17.42 35.62 11.85
C PRO E 85 18.77 36.23 12.22
N GLU E 86 19.37 36.90 11.23
CA GLU E 86 20.79 37.26 11.34
C GLU E 86 21.03 38.42 12.31
N ARG E 87 20.03 39.23 12.62
CA ARG E 87 20.12 40.20 13.71
C ARG E 87 18.87 40.12 14.56
N ASP E 88 19.06 40.13 15.88
CA ASP E 88 17.94 40.03 16.80
C ASP E 88 17.15 41.34 16.82
N ASP E 89 15.84 41.25 16.60
CA ASP E 89 14.95 42.39 16.53
C ASP E 89 13.68 42.06 17.29
N THR E 90 13.40 42.83 18.34
CA THR E 90 12.17 42.71 19.13
C THR E 90 11.41 44.02 19.05
N GLU E 91 10.14 43.94 18.65
CA GLU E 91 9.34 45.13 18.39
C GLU E 91 8.12 45.19 19.30
N PHE E 92 7.83 46.37 19.81
CA PHE E 92 6.66 46.60 20.64
C PHE E 92 5.92 47.82 20.14
N GLN E 93 4.61 47.82 20.34
CA GLN E 93 3.77 48.91 19.87
C GLN E 93 2.65 49.16 20.86
N HIS E 94 2.16 50.40 20.85
CA HIS E 94 0.97 50.81 21.55
C HIS E 94 0.36 51.88 20.66
N PRO E 95 -0.95 51.84 20.43
CA PRO E 95 -1.58 52.81 19.51
C PRO E 95 -1.40 54.25 19.94
N CYS E 96 -1.12 54.52 21.21
CA CYS E 96 -0.93 55.87 21.72
C CYS E 96 0.53 56.18 22.02
N PHE E 97 1.46 55.33 21.57
CA PHE E 97 2.89 55.55 21.71
C PHE E 97 3.42 55.83 20.30
N LEU E 98 3.41 57.09 19.90
CA LEU E 98 3.71 57.49 18.53
C LEU E 98 4.82 58.55 18.54
N ARG E 99 5.74 58.44 17.59
CA ARG E 99 6.81 59.43 17.50
C ARG E 99 6.24 60.80 17.16
N GLY E 100 6.74 61.82 17.86
CA GLY E 100 6.26 63.17 17.65
C GLY E 100 4.91 63.46 18.25
N GLN E 101 4.39 62.59 19.12
CA GLN E 101 3.11 62.80 19.79
C GLN E 101 3.25 62.46 21.27
N GLU E 102 4.18 63.14 21.93
CA GLU E 102 4.42 62.88 23.35
C GLU E 102 3.18 63.15 24.19
N GLN E 103 2.37 64.12 23.80
CA GLN E 103 1.13 64.42 24.53
C GLN E 103 0.20 63.21 24.62
N LEU E 104 0.27 62.28 23.64
CA LEU E 104 -0.63 61.14 23.65
C LEU E 104 -0.38 60.18 24.81
N LEU E 105 0.77 60.28 25.48
CA LEU E 105 1.04 59.39 26.61
C LEU E 105 0.04 59.58 27.74
N GLU E 106 -0.66 60.72 27.77
CA GLU E 106 -1.69 60.93 28.79
C GLU E 106 -2.81 59.91 28.68
N ASN E 107 -3.05 59.36 27.49
CA ASN E 107 -4.16 58.44 27.27
C ASN E 107 -3.77 56.99 27.46
N ILE E 108 -2.50 56.70 27.70
CA ILE E 108 -2.08 55.33 27.99
C ILE E 108 -2.37 55.07 29.44
N LYS E 109 -3.27 54.14 29.70
CA LYS E 109 -3.65 53.82 31.07
C LYS E 109 -3.07 52.48 31.48
N ARG E 110 -2.47 52.45 32.66
CA ARG E 110 -1.85 51.25 33.22
C ARG E 110 -2.89 50.30 33.79
N LYS E 111 -2.70 48.99 33.58
CA LYS E 111 -3.69 48.04 34.06
C LYS E 111 -3.76 48.04 35.59
N VAL E 112 -4.95 47.76 36.10
CA VAL E 112 -5.21 47.78 37.53
C VAL E 112 -5.18 46.36 38.07
N VAL F 8 -3.67 35.89 13.24
CA VAL F 8 -4.01 34.63 12.59
C VAL F 8 -2.73 33.89 13.00
N PRO F 9 -2.82 32.66 13.51
CA PRO F 9 -1.62 32.02 14.06
C PRO F 9 -0.48 31.93 13.05
N ALA F 10 0.74 31.95 13.58
CA ALA F 10 1.95 31.95 12.76
C ALA F 10 1.96 30.81 11.76
N PHE F 11 1.49 29.63 12.16
CA PHE F 11 1.54 28.47 11.27
C PHE F 11 0.85 28.78 9.95
N LEU F 12 -0.34 29.36 10.01
CA LEU F 12 -1.10 29.62 8.79
C LEU F 12 -0.41 30.68 7.93
N THR F 13 0.08 31.75 8.55
CA THR F 13 0.81 32.76 7.79
C THR F 13 2.09 32.18 7.21
N LYS F 14 2.79 31.36 7.98
CA LYS F 14 3.99 30.72 7.45
C LYS F 14 3.63 29.72 6.35
N LEU F 15 2.59 28.92 6.57
CA LEU F 15 2.19 27.92 5.57
C LEU F 15 1.77 28.59 4.27
N TRP F 16 1.03 29.70 4.37
CA TRP F 16 0.68 30.46 3.18
C TRP F 16 1.91 30.95 2.44
N THR F 17 2.84 31.59 3.15
CA THR F 17 4.02 32.14 2.50
C THR F 17 4.87 31.06 1.83
N LEU F 18 5.15 29.97 2.55
CA LEU F 18 6.06 28.98 1.99
C LEU F 18 5.45 28.26 0.80
N VAL F 19 4.14 28.03 0.81
CA VAL F 19 3.48 27.43 -0.34
C VAL F 19 3.50 28.39 -1.52
N SER F 20 3.22 29.67 -1.25
CA SER F 20 3.18 30.69 -2.31
C SER F 20 4.57 31.08 -2.78
N ASP F 21 5.60 30.82 -2.01
CA ASP F 21 6.96 31.21 -2.38
C ASP F 21 7.37 30.50 -3.66
N PRO F 22 7.64 31.23 -4.76
CA PRO F 22 8.05 30.55 -6.00
C PRO F 22 9.41 29.89 -5.93
N ASP F 23 10.27 30.30 -4.99
CA ASP F 23 11.59 29.68 -4.90
C ASP F 23 11.51 28.25 -4.40
N THR F 24 10.48 27.92 -3.63
CA THR F 24 10.28 26.60 -3.07
C THR F 24 9.34 25.73 -3.89
N ASP F 25 8.86 26.22 -5.03
CA ASP F 25 7.86 25.51 -5.82
C ASP F 25 8.30 24.10 -6.21
N ALA F 26 9.61 23.84 -6.26
CA ALA F 26 10.06 22.48 -6.57
C ALA F 26 9.75 21.51 -5.45
N LEU F 27 9.60 22.00 -4.22
CA LEU F 27 9.31 21.17 -3.06
C LEU F 27 7.89 21.36 -2.52
N ILE F 28 7.36 22.58 -2.59
CA ILE F 28 6.05 22.94 -2.08
C ILE F 28 5.46 24.00 -3.00
N CYS F 29 4.24 23.77 -3.50
CA CYS F 29 3.67 24.69 -4.50
C CYS F 29 2.15 24.53 -4.51
N TRP F 30 1.47 25.50 -5.14
CA TRP F 30 0.02 25.38 -5.32
C TRP F 30 -0.33 24.33 -6.39
N SER F 31 -1.51 23.73 -6.22
CA SER F 31 -2.06 22.85 -7.24
C SER F 31 -2.53 23.72 -8.40
N PRO F 32 -2.71 23.14 -9.59
CA PRO F 32 -3.16 23.96 -10.73
C PRO F 32 -4.41 24.76 -10.45
N SER F 33 -5.40 24.17 -9.78
CA SER F 33 -6.61 24.90 -9.41
C SER F 33 -6.39 25.87 -8.25
N GLY F 34 -5.32 25.70 -7.47
CA GLY F 34 -5.10 26.59 -6.34
C GLY F 34 -6.03 26.35 -5.16
N ASN F 35 -6.57 25.15 -5.03
CA ASN F 35 -7.44 24.78 -3.94
C ASN F 35 -6.81 23.77 -2.99
N SER F 36 -5.56 23.37 -3.24
CA SER F 36 -4.89 22.39 -2.39
C SER F 36 -3.40 22.59 -2.56
N PHE F 37 -2.61 21.83 -1.79
CA PHE F 37 -1.19 21.95 -2.03
C PHE F 37 -0.51 20.58 -1.96
N HIS F 38 0.56 20.48 -2.75
CA HIS F 38 1.38 19.29 -2.91
C HIS F 38 2.75 19.55 -2.28
N VAL F 39 3.32 18.48 -1.71
CA VAL F 39 4.68 18.49 -1.16
C VAL F 39 5.45 17.37 -1.88
N PHE F 40 6.52 17.73 -2.57
CA PHE F 40 7.30 16.75 -3.33
C PHE F 40 8.58 16.45 -2.58
N ASP F 41 8.90 15.16 -2.45
CA ASP F 41 10.09 14.72 -1.72
C ASP F 41 10.04 15.21 -0.28
N GLN F 42 9.31 14.48 0.56
CA GLN F 42 9.17 14.87 1.97
C GLN F 42 10.51 15.02 2.66
N GLY F 43 11.49 14.19 2.29
CA GLY F 43 12.80 14.25 2.94
C GLY F 43 13.50 15.57 2.69
N GLN F 44 13.55 16.00 1.43
CA GLN F 44 14.22 17.25 1.10
C GLN F 44 13.46 18.46 1.64
N PHE F 45 12.13 18.44 1.53
CA PHE F 45 11.31 19.52 2.07
C PHE F 45 11.46 19.61 3.58
N ALA F 46 11.37 18.48 4.27
CA ALA F 46 11.48 18.50 5.72
C ALA F 46 12.87 18.95 6.16
N LYS F 47 13.90 18.66 5.37
CA LYS F 47 15.25 18.96 5.80
C LYS F 47 15.72 20.37 5.45
N GLU F 48 15.18 21.01 4.40
CA GLU F 48 15.74 22.31 4.06
C GLU F 48 14.77 23.43 4.34
N VAL F 49 13.47 23.17 4.14
CA VAL F 49 12.44 24.20 4.18
C VAL F 49 11.80 24.32 5.55
N LEU F 50 11.37 23.20 6.13
CA LEU F 50 10.69 23.24 7.43
C LEU F 50 11.49 23.99 8.48
N PRO F 51 12.79 23.72 8.70
CA PRO F 51 13.50 24.44 9.76
C PRO F 51 13.73 25.90 9.47
N LYS F 52 13.44 26.39 8.27
CA LYS F 52 13.57 27.82 8.01
C LYS F 52 12.35 28.59 8.48
N TYR F 53 11.26 27.89 8.78
CA TYR F 53 10.02 28.47 9.26
C TYR F 53 9.59 27.97 10.63
N PHE F 54 9.95 26.74 10.99
CA PHE F 54 9.50 26.13 12.24
C PHE F 54 10.70 25.63 13.03
N LYS F 55 10.44 25.32 14.30
CA LYS F 55 11.47 24.82 15.22
C LYS F 55 11.63 23.32 15.10
N HIS F 56 11.66 22.81 13.87
CA HIS F 56 11.80 21.38 13.62
C HIS F 56 12.10 21.17 12.15
N ASN F 57 12.55 19.96 11.82
CA ASN F 57 12.75 19.52 10.45
C ASN F 57 12.00 18.21 10.24
N ASN F 58 10.81 18.12 10.84
CA ASN F 58 10.08 16.88 10.96
C ASN F 58 8.76 16.98 10.18
N MET F 59 8.59 16.13 9.17
CA MET F 59 7.39 16.18 8.36
C MET F 59 6.16 15.79 9.17
N ALA F 60 6.33 14.84 10.10
CA ALA F 60 5.23 14.40 10.94
C ALA F 60 4.71 15.53 11.83
N SER F 61 5.59 16.43 12.28
CA SER F 61 5.13 17.57 13.06
C SER F 61 4.46 18.61 12.17
N PHE F 62 4.91 18.71 10.92
CA PHE F 62 4.23 19.58 9.96
C PHE F 62 2.84 19.03 9.65
N VAL F 63 2.73 17.72 9.44
CA VAL F 63 1.44 17.12 9.14
C VAL F 63 0.50 17.23 10.34
N ARG F 64 1.04 17.04 11.55
CA ARG F 64 0.22 17.18 12.75
C ARG F 64 -0.40 18.57 12.83
N GLN F 65 0.38 19.61 12.47
CA GLN F 65 -0.15 20.96 12.46
C GLN F 65 -1.22 21.13 11.39
N LEU F 66 -1.03 20.51 10.21
CA LEU F 66 -2.05 20.57 9.18
C LEU F 66 -3.36 19.99 9.69
N ASN F 67 -3.30 18.83 10.34
CA ASN F 67 -4.53 18.24 10.88
C ASN F 67 -5.10 19.08 12.01
N MET F 68 -4.24 19.74 12.80
CA MET F 68 -4.73 20.63 13.85
C MET F 68 -5.55 21.77 13.28
N TYR F 69 -5.23 22.20 12.06
CA TYR F 69 -5.93 23.31 11.44
C TYR F 69 -6.98 22.85 10.44
N GLY F 70 -7.40 21.60 10.52
CA GLY F 70 -8.48 21.09 9.71
C GLY F 70 -8.12 20.73 8.29
N PHE F 71 -6.83 20.73 7.93
CA PHE F 71 -6.43 20.27 6.61
C PHE F 71 -6.56 18.75 6.53
N ARG F 72 -6.96 18.24 5.37
CA ARG F 72 -6.98 16.80 5.16
C ARG F 72 -6.17 16.41 3.95
N LYS F 73 -5.66 15.19 4.03
CA LYS F 73 -4.94 14.56 2.93
C LYS F 73 -5.94 14.26 1.83
N VAL F 74 -5.69 14.73 0.62
CA VAL F 74 -6.49 14.34 -0.53
C VAL F 74 -5.82 13.14 -1.22
N VAL F 75 -6.59 12.00 -1.36
CA VAL F 75 -6.05 10.73 -1.86
C VAL F 75 -6.20 10.75 -3.37
N HIS F 76 -5.21 10.26 -4.11
CA HIS F 76 -5.35 10.24 -5.56
C HIS F 76 -5.86 8.89 -6.06
N ASP F 89 2.65 14.68 -5.71
CA ASP F 89 2.95 13.71 -4.65
C ASP F 89 1.89 13.76 -3.55
N THR F 90 2.33 13.91 -2.30
CA THR F 90 1.40 14.04 -1.18
C THR F 90 0.74 15.41 -1.20
N GLU F 91 -0.59 15.42 -1.19
CA GLU F 91 -1.39 16.62 -1.36
C GLU F 91 -2.31 16.83 -0.16
N PHE F 92 -2.46 18.09 0.26
CA PHE F 92 -3.32 18.47 1.38
C PHE F 92 -4.26 19.58 0.97
N GLN F 93 -5.43 19.66 1.62
CA GLN F 93 -6.43 20.65 1.27
C GLN F 93 -7.12 21.16 2.52
N HIS F 94 -7.60 22.41 2.44
CA HIS F 94 -8.49 23.05 3.40
C HIS F 94 -9.36 23.97 2.59
N PRO F 95 -10.68 23.99 2.83
CA PRO F 95 -11.56 24.82 2.00
C PRO F 95 -11.25 26.30 2.03
N CYS F 96 -10.59 26.80 3.07
CA CYS F 96 -10.28 28.22 3.21
C CYS F 96 -8.80 28.53 2.98
N PHE F 97 -8.03 27.58 2.45
CA PHE F 97 -6.63 27.79 2.12
C PHE F 97 -6.58 27.77 0.58
N LEU F 98 -6.77 28.94 -0.02
CA LEU F 98 -6.93 29.08 -1.46
C LEU F 98 -5.93 30.10 -1.99
N ARG F 99 -5.32 29.80 -3.13
CA ARG F 99 -4.35 30.74 -3.66
C ARG F 99 -5.01 32.06 -4.04
N GLY F 100 -4.34 33.16 -3.71
CA GLY F 100 -4.84 34.48 -3.98
C GLY F 100 -5.94 34.93 -3.05
N GLN F 101 -6.15 34.22 -1.94
CA GLN F 101 -7.18 34.60 -0.97
C GLN F 101 -6.59 34.49 0.44
N GLU F 102 -5.53 35.27 0.69
CA GLU F 102 -4.87 35.23 1.99
C GLU F 102 -5.82 35.66 3.11
N GLN F 103 -6.78 36.55 2.81
CA GLN F 103 -7.73 36.98 3.83
C GLN F 103 -8.48 35.80 4.44
N LEU F 104 -8.66 34.71 3.69
CA LEU F 104 -9.44 33.59 4.19
C LEU F 104 -8.79 32.86 5.36
N LEU F 105 -7.49 33.06 5.61
CA LEU F 105 -6.87 32.37 6.73
C LEU F 105 -7.49 32.78 8.05
N GLU F 106 -8.18 33.92 8.11
CA GLU F 106 -8.85 34.33 9.33
C GLU F 106 -9.94 33.34 9.72
N ASN F 107 -10.48 32.61 8.77
CA ASN F 107 -11.58 31.70 9.05
C ASN F 107 -11.12 30.29 9.38
N ILE F 108 -9.82 30.00 9.28
CA ILE F 108 -9.30 28.70 9.66
C ILE F 108 -9.09 28.71 11.17
N LYS F 109 -9.79 27.82 11.86
CA LYS F 109 -9.79 27.78 13.32
C LYS F 109 -8.98 26.59 13.80
N ARG F 110 -8.09 26.81 14.77
CA ARG F 110 -7.30 25.71 15.27
C ARG F 110 -8.16 24.88 16.22
N LYS F 111 -8.08 23.57 16.05
CA LYS F 111 -8.93 22.68 16.81
C LYS F 111 -8.50 22.67 18.28
N VAL F 112 -9.48 22.51 19.17
CA VAL F 112 -9.24 22.66 20.62
C VAL F 112 -9.06 21.33 21.33
NA NA K . -31.98 -26.03 -27.83
NA NA L . -5.31 -48.43 -38.68
NA NA M . 9.19 -17.19 -21.34
NA NA N . 27.97 23.14 33.87
NA NA O . 6.11 27.44 -3.09
#